data_2XQT
#
_entry.id   2XQT
#
_cell.length_a   91.470
_cell.length_b   91.470
_cell.length_c   258.120
_cell.angle_alpha   90.00
_cell.angle_beta   90.00
_cell.angle_gamma   120.00
#
_symmetry.space_group_name_H-M   'P 63 2 2'
#
loop_
_entity.id
_entity.type
_entity.pdbx_description
1 polymer 'ATP SYNTHASE C CHAIN'
2 non-polymer DICYCLOHEXYLUREA
3 non-polymer CYMAL-4
4 water water
#
_entity_poly.entity_id   1
_entity_poly.type   'polypeptide(L)'
_entity_poly.pdbx_seq_one_letter_code
;(FME)ESNLTTAASVIAAALAVGIGSIGPGLGQGQAAGQAVEGIARQPEAEGKIRGTLLLSLAFMEALTIYGLVVALVLL
FANPFV
;
_entity_poly.pdbx_strand_id   A,B,C,D,E
#
loop_
_chem_comp.id
_chem_comp.type
_chem_comp.name
_chem_comp.formula
CVM non-polymer CYMAL-4 'C22 H40 O11'
DCW non-polymer DICYCLOHEXYLUREA 'C13 H24 N2 O'
#
# COMPACT_ATOMS: atom_id res chain seq x y z
N FME A 1 6.07 -29.43 18.59
CN FME A 1 6.79 -29.47 17.41
O1 FME A 1 7.28 -30.52 17.03
CA FME A 1 5.75 -28.04 18.87
CB FME A 1 4.29 -27.89 19.32
CG FME A 1 3.45 -27.13 18.30
SD FME A 1 2.86 -28.21 17.04
CE FME A 1 3.12 -27.54 15.42
C FME A 1 6.69 -27.58 19.96
O FME A 1 6.73 -28.15 21.06
N GLU A 2 7.51 -26.58 19.65
CA GLU A 2 8.40 -26.01 20.65
C GLU A 2 8.32 -24.51 20.54
N SER A 3 8.27 -23.86 21.70
CA SER A 3 8.35 -22.43 21.75
C SER A 3 9.42 -22.08 22.75
N ASN A 4 10.36 -21.25 22.37
CA ASN A 4 11.35 -20.72 23.28
C ASN A 4 11.84 -19.41 22.70
N LEU A 5 12.83 -18.81 23.34
CA LEU A 5 13.26 -17.47 22.98
C LEU A 5 13.74 -17.51 21.53
N THR A 6 14.41 -18.60 21.18
CA THR A 6 15.08 -18.72 19.91
C THR A 6 14.11 -18.97 18.75
N THR A 7 13.09 -19.80 18.97
CA THR A 7 12.06 -20.00 17.97
C THR A 7 11.32 -18.69 17.72
N ALA A 8 11.05 -17.94 18.80
CA ALA A 8 10.38 -16.65 18.62
C ALA A 8 11.30 -15.68 17.88
N ALA A 9 12.58 -15.70 18.23
CA ALA A 9 13.50 -14.74 17.60
C ALA A 9 13.64 -15.10 16.12
N SER A 10 13.59 -16.40 15.83
CA SER A 10 13.79 -16.88 14.48
C SER A 10 12.67 -16.44 13.52
N VAL A 11 11.42 -16.48 13.94
CA VAL A 11 10.33 -16.14 13.02
C VAL A 11 10.35 -14.64 12.77
N ILE A 12 10.64 -13.87 13.81
CA ILE A 12 10.79 -12.45 13.67
C ILE A 12 11.97 -12.13 12.73
N ALA A 13 13.09 -12.78 12.97
CA ALA A 13 14.28 -12.59 12.17
C ALA A 13 13.96 -12.83 10.69
N ALA A 14 13.26 -13.91 10.42
CA ALA A 14 12.88 -14.29 9.07
C ALA A 14 12.12 -13.14 8.38
N ALA A 15 11.13 -12.57 9.06
CA ALA A 15 10.37 -11.45 8.51
C ALA A 15 11.26 -10.21 8.30
N LEU A 16 12.15 -9.94 9.24
CA LEU A 16 13.00 -8.76 9.11
C LEU A 16 13.97 -8.93 7.95
N ALA A 17 14.52 -10.12 7.77
CA ALA A 17 15.45 -10.32 6.65
C ALA A 17 14.78 -9.92 5.32
N VAL A 18 13.61 -10.49 5.01
CA VAL A 18 13.00 -10.25 3.69
C VAL A 18 12.22 -8.93 3.62
N GLY A 19 11.68 -8.49 4.75
CA GLY A 19 10.90 -7.27 4.81
C GLY A 19 11.78 -6.05 4.64
N ILE A 20 12.71 -5.88 5.57
CA ILE A 20 13.68 -4.78 5.46
C ILE A 20 14.53 -4.92 4.19
N GLY A 21 14.86 -6.16 3.85
CA GLY A 21 15.77 -6.44 2.74
C GLY A 21 15.20 -6.10 1.37
N SER A 22 13.91 -5.73 1.31
CA SER A 22 13.30 -5.36 0.05
C SER A 22 13.22 -3.80 -0.14
N ILE A 23 13.50 -3.04 0.90
CA ILE A 23 13.30 -1.60 0.79
C ILE A 23 14.25 -0.98 -0.27
N GLY A 24 15.53 -1.24 -0.17
CA GLY A 24 16.51 -0.57 -1.02
C GLY A 24 16.40 -1.08 -2.44
N PRO A 25 16.45 -2.40 -2.59
CA PRO A 25 16.27 -2.98 -3.92
C PRO A 25 14.95 -2.61 -4.60
N GLY A 26 13.84 -2.56 -3.86
CA GLY A 26 12.57 -2.19 -4.47
C GLY A 26 12.59 -0.76 -4.99
N LEU A 27 13.10 0.16 -4.17
CA LEU A 27 13.22 1.53 -4.59
C LEU A 27 14.18 1.63 -5.77
N GLY A 28 15.29 0.90 -5.67
CA GLY A 28 16.31 0.99 -6.69
C GLY A 28 15.83 0.48 -8.05
N GLN A 29 15.11 -0.63 -8.02
CA GLN A 29 14.53 -1.21 -9.22
C GLN A 29 13.58 -0.21 -9.92
N GLY A 30 12.76 0.48 -9.11
CA GLY A 30 11.85 1.47 -9.61
C GLY A 30 12.59 2.59 -10.33
N GLN A 31 13.67 3.03 -9.71
CA GLN A 31 14.43 4.14 -10.24
C GLN A 31 15.03 3.73 -11.59
N ALA A 32 15.57 2.52 -11.62
CA ALA A 32 16.27 2.07 -12.79
C ALA A 32 15.27 1.85 -13.93
N ALA A 33 14.16 1.19 -13.62
CA ALA A 33 13.17 0.85 -14.64
C ALA A 33 12.53 2.13 -15.20
N GLY A 34 12.33 3.12 -14.33
CA GLY A 34 11.77 4.38 -14.73
C GLY A 34 12.69 5.08 -15.72
N GLN A 35 14.00 5.04 -15.46
CA GLN A 35 14.95 5.70 -16.34
C GLN A 35 14.96 4.94 -17.67
N ALA A 36 14.77 3.62 -17.59
CA ALA A 36 14.92 2.79 -18.77
C ALA A 36 13.81 3.12 -19.78
N VAL A 37 12.60 3.17 -19.26
CA VAL A 37 11.37 3.34 -19.99
C VAL A 37 11.33 4.78 -20.61
N GLU A 38 11.80 5.76 -19.83
CA GLU A 38 11.99 7.10 -20.30
C GLU A 38 13.02 7.13 -21.43
N GLY A 39 14.06 6.32 -21.28
CA GLY A 39 15.10 6.26 -22.28
C GLY A 39 14.56 5.71 -23.59
N ILE A 40 13.70 4.69 -23.46
CA ILE A 40 13.11 4.08 -24.65
C ILE A 40 12.26 5.10 -25.41
N ALA A 41 11.46 5.87 -24.68
CA ALA A 41 10.67 6.93 -25.27
C ALA A 41 11.55 7.94 -26.02
N ARG A 42 12.71 8.28 -25.45
CA ARG A 42 13.64 9.22 -26.05
C ARG A 42 14.32 8.63 -27.27
N GLN A 43 14.61 7.32 -27.25
CA GLN A 43 15.41 6.73 -28.32
C GLN A 43 15.03 5.26 -28.50
N PRO A 44 13.88 5.04 -29.14
CA PRO A 44 13.23 3.74 -29.33
C PRO A 44 14.17 2.74 -30.01
N GLU A 45 15.12 3.29 -30.75
CA GLU A 45 16.08 2.48 -31.51
C GLU A 45 17.10 1.77 -30.58
N ALA A 46 17.30 2.35 -29.40
CA ALA A 46 18.23 1.83 -28.39
C ALA A 46 17.53 0.90 -27.43
N GLU A 47 16.31 0.53 -27.76
CA GLU A 47 15.52 -0.28 -26.86
C GLU A 47 16.21 -1.60 -26.47
N GLY A 48 16.79 -2.30 -27.45
CA GLY A 48 17.47 -3.55 -27.14
C GLY A 48 18.59 -3.32 -26.16
N LYS A 49 19.40 -2.28 -26.40
CA LYS A 49 20.52 -1.97 -25.50
C LYS A 49 20.04 -1.62 -24.10
N ILE A 50 19.05 -0.75 -24.07
CA ILE A 50 18.53 -0.26 -22.83
C ILE A 50 17.95 -1.43 -22.06
N ARG A 51 17.16 -2.24 -22.75
CA ARG A 51 16.50 -3.36 -22.10
C ARG A 51 17.52 -4.39 -21.53
N GLY A 52 18.64 -4.60 -22.23
CA GLY A 52 19.65 -5.53 -21.77
C GLY A 52 20.35 -5.03 -20.52
N THR A 53 20.72 -3.75 -20.51
CA THR A 53 21.42 -3.17 -19.38
C THR A 53 20.50 -3.17 -18.13
N LEU A 54 19.22 -2.86 -18.36
CA LEU A 54 18.22 -2.90 -17.29
C LEU A 54 18.10 -4.31 -16.65
N LEU A 55 18.04 -5.33 -17.49
CA LEU A 55 17.81 -6.69 -17.06
C LEU A 55 18.98 -7.11 -16.17
N LEU A 56 20.18 -6.87 -16.67
CA LEU A 56 21.37 -7.06 -15.87
C LEU A 56 21.28 -6.35 -14.52
N SER A 57 20.85 -5.10 -14.53
CA SER A 57 20.79 -4.33 -13.31
C SER A 57 19.74 -4.86 -12.34
N LEU A 58 18.58 -5.25 -12.86
CA LEU A 58 17.49 -5.72 -12.04
C LEU A 58 17.98 -6.94 -11.27
N ALA A 59 18.71 -7.81 -11.96
CA ALA A 59 19.17 -9.07 -11.37
C ALA A 59 20.13 -8.84 -10.20
N PHE A 60 21.02 -7.86 -10.33
CA PHE A 60 21.91 -7.51 -9.24
C PHE A 60 21.14 -7.06 -8.01
N MET A 61 20.08 -6.29 -8.25
CA MET A 61 19.26 -5.74 -7.14
C MET A 61 18.38 -6.83 -6.51
N GLU A 62 17.85 -7.72 -7.32
N GLU A 62 17.86 -7.71 -7.35
CA GLU A 62 16.99 -8.74 -6.79
CA GLU A 62 17.02 -8.81 -6.92
C GLU A 62 17.83 -9.67 -5.93
C GLU A 62 17.83 -9.64 -5.95
N ALA A 63 19.09 -9.88 -6.31
CA ALA A 63 19.99 -10.70 -5.51
C ALA A 63 20.16 -10.14 -4.08
N LEU A 64 20.25 -8.82 -3.93
CA LEU A 64 20.35 -8.26 -2.59
C LEU A 64 19.20 -8.78 -1.70
N THR A 65 17.95 -8.77 -2.19
CA THR A 65 16.82 -9.17 -1.35
C THR A 65 16.82 -10.69 -1.17
N ILE A 66 17.32 -11.38 -2.20
CA ILE A 66 17.36 -12.82 -2.19
C ILE A 66 18.30 -13.32 -1.07
N TYR A 67 19.39 -12.59 -0.81
CA TYR A 67 20.23 -12.87 0.34
C TYR A 67 19.39 -12.85 1.63
N GLY A 68 18.51 -11.85 1.76
CA GLY A 68 17.58 -11.82 2.86
C GLY A 68 16.72 -13.07 2.84
N LEU A 69 16.26 -13.44 1.65
CA LEU A 69 15.38 -14.60 1.55
C LEU A 69 16.12 -15.87 1.93
N VAL A 70 17.42 -15.92 1.65
CA VAL A 70 18.15 -17.12 2.01
C VAL A 70 18.19 -17.21 3.56
N VAL A 71 18.53 -16.10 4.20
CA VAL A 71 18.57 -16.11 5.64
C VAL A 71 17.21 -16.55 6.21
N ALA A 72 16.13 -15.96 5.71
CA ALA A 72 14.78 -16.34 6.15
C ALA A 72 14.58 -17.85 6.03
N LEU A 73 14.97 -18.41 4.88
CA LEU A 73 14.70 -19.82 4.57
C LEU A 73 15.54 -20.81 5.41
N VAL A 74 16.77 -20.43 5.71
CA VAL A 74 17.60 -21.17 6.60
C VAL A 74 16.91 -21.18 7.96
N LEU A 75 16.52 -19.98 8.42
CA LEU A 75 15.94 -19.81 9.76
C LEU A 75 14.66 -20.61 9.90
N LEU A 76 14.01 -20.89 8.78
CA LEU A 76 12.72 -21.58 8.81
C LEU A 76 12.79 -23.06 8.51
N PHE A 77 13.69 -23.48 7.61
CA PHE A 77 13.66 -24.85 7.13
C PHE A 77 14.98 -25.57 7.40
N ALA A 78 15.97 -24.85 7.92
CA ALA A 78 17.24 -25.48 8.28
C ALA A 78 17.80 -24.80 9.51
N ASN A 79 16.96 -24.57 10.51
CA ASN A 79 17.39 -23.75 11.63
C ASN A 79 18.53 -24.48 12.33
N PRO A 80 19.63 -23.77 12.54
CA PRO A 80 20.79 -24.37 13.21
C PRO A 80 20.58 -24.66 14.69
N PHE A 81 19.60 -24.03 15.33
CA PHE A 81 19.48 -24.12 16.78
C PHE A 81 18.20 -24.82 17.25
N VAL A 82 17.11 -24.63 16.53
CA VAL A 82 15.82 -25.06 17.02
C VAL A 82 14.96 -25.69 15.93
N FME B 1 -5.89 -25.21 19.96
CN FME B 1 -6.98 -25.19 19.15
O1 FME B 1 -7.85 -26.02 19.37
CA FME B 1 -5.49 -23.86 20.25
CB FME B 1 -6.45 -23.20 21.24
CG FME B 1 -7.57 -22.48 20.51
SD FME B 1 -8.88 -22.05 21.61
CE FME B 1 -10.24 -21.45 20.66
C FME B 1 -4.14 -23.91 20.86
O FME B 1 -3.75 -24.88 21.53
N GLU B 2 -3.41 -22.84 20.65
CA GLU B 2 -2.07 -22.73 21.17
C GLU B 2 -1.69 -21.24 21.25
N SER B 3 -1.20 -20.82 22.41
CA SER B 3 -0.64 -19.47 22.58
C SER B 3 0.64 -19.50 23.36
N ASN B 4 1.72 -19.00 22.77
CA ASN B 4 2.98 -18.89 23.51
C ASN B 4 3.79 -17.79 22.80
N LEU B 5 5.02 -17.59 23.25
CA LEU B 5 5.83 -16.50 22.75
C LEU B 5 5.96 -16.67 21.21
N THR B 6 6.10 -17.90 20.76
CA THR B 6 6.42 -18.16 19.36
C THR B 6 5.21 -18.03 18.40
N THR B 7 4.00 -18.43 18.85
CA THR B 7 2.81 -18.18 18.03
C THR B 7 2.56 -16.68 17.90
N ALA B 8 2.83 -15.95 18.98
CA ALA B 8 2.60 -14.52 19.00
C ALA B 8 3.61 -13.87 18.09
N ALA B 9 4.84 -14.35 18.15
CA ALA B 9 5.90 -13.75 17.34
C ALA B 9 5.63 -14.05 15.85
N SER B 10 5.01 -15.19 15.56
CA SER B 10 4.76 -15.62 14.21
C SER B 10 3.72 -14.79 13.48
N VAL B 11 2.63 -14.44 14.17
CA VAL B 11 1.60 -13.63 13.53
C VAL B 11 2.09 -12.19 13.34
N ILE B 12 2.87 -11.68 14.30
CA ILE B 12 3.45 -10.34 14.14
C ILE B 12 4.42 -10.37 12.94
N ALA B 13 5.29 -11.38 12.94
CA ALA B 13 6.30 -11.56 11.90
C ALA B 13 5.68 -11.64 10.49
N ALA B 14 4.62 -12.42 10.39
CA ALA B 14 3.87 -12.54 9.15
C ALA B 14 3.41 -11.17 8.67
N ALA B 15 2.84 -10.37 9.56
CA ALA B 15 2.39 -9.02 9.19
C ALA B 15 3.53 -8.11 8.73
N LEU B 16 4.64 -8.18 9.43
CA LEU B 16 5.78 -7.35 9.12
C LEU B 16 6.41 -7.79 7.78
N ALA B 17 6.45 -9.08 7.48
CA ALA B 17 7.06 -9.48 6.22
C ALA B 17 6.32 -8.81 5.01
N VAL B 18 4.99 -8.92 4.96
CA VAL B 18 4.26 -8.36 3.82
C VAL B 18 4.04 -6.84 3.95
N GLY B 19 3.83 -6.35 5.18
CA GLY B 19 3.62 -4.95 5.45
C GLY B 19 4.85 -4.14 5.05
N ILE B 20 5.96 -4.38 5.73
CA ILE B 20 7.21 -3.71 5.35
C ILE B 20 7.68 -4.04 3.93
N GLY B 21 7.54 -5.29 3.54
CA GLY B 21 7.98 -5.75 2.24
C GLY B 21 7.30 -5.13 1.03
N SER B 22 6.22 -4.36 1.24
CA SER B 22 5.54 -3.68 0.11
C SER B 22 5.98 -2.21 -0.04
N ILE B 23 6.75 -1.71 0.91
CA ILE B 23 7.07 -0.31 0.93
C ILE B 23 7.96 0.08 -0.27
N GLY B 24 9.11 -0.58 -0.40
CA GLY B 24 10.05 -0.24 -1.47
C GLY B 24 9.45 -0.57 -2.83
N PRO B 25 9.01 -1.82 -3.00
CA PRO B 25 8.41 -2.21 -4.28
C PRO B 25 7.18 -1.37 -4.67
N GLY B 26 6.33 -1.01 -3.72
CA GLY B 26 5.20 -0.13 -4.02
C GLY B 26 5.62 1.23 -4.55
N LEU B 27 6.53 1.91 -3.85
CA LEU B 27 7.08 3.16 -4.35
C LEU B 27 7.75 2.93 -5.71
N GLY B 28 8.53 1.87 -5.82
CA GLY B 28 9.32 1.69 -7.03
C GLY B 28 8.42 1.45 -8.25
N GLN B 29 7.33 0.71 -8.05
CA GLN B 29 6.44 0.39 -9.15
C GLN B 29 5.79 1.70 -9.60
N GLY B 30 5.49 2.61 -8.65
CA GLY B 30 4.88 3.87 -9.02
C GLY B 30 5.81 4.76 -9.85
N GLN B 31 7.08 4.76 -9.47
CA GLN B 31 8.05 5.59 -10.11
C GLN B 31 8.20 5.09 -11.56
N ALA B 32 8.31 3.78 -11.71
CA ALA B 32 8.52 3.19 -12.99
C ALA B 32 7.30 3.40 -13.92
N ALA B 33 6.12 3.11 -13.39
CA ALA B 33 4.88 3.22 -14.14
C ALA B 33 4.66 4.69 -14.55
N GLY B 34 4.98 5.61 -13.65
CA GLY B 34 4.83 7.02 -13.89
C GLY B 34 5.69 7.40 -15.09
N GLN B 35 6.94 6.92 -15.12
CA GLN B 35 7.79 7.29 -16.26
C GLN B 35 7.32 6.60 -17.51
N ALA B 36 6.67 5.44 -17.36
CA ALA B 36 6.20 4.70 -18.53
C ALA B 36 5.09 5.49 -19.25
N VAL B 37 4.14 6.01 -18.49
CA VAL B 37 3.00 6.62 -19.14
C VAL B 37 3.46 7.98 -19.65
N GLU B 38 4.41 8.58 -18.95
CA GLU B 38 5.01 9.82 -19.44
C GLU B 38 5.74 9.58 -20.78
N GLY B 39 6.44 8.45 -20.87
CA GLY B 39 7.17 8.12 -22.08
C GLY B 39 6.21 7.84 -23.23
N ILE B 40 5.09 7.19 -22.92
CA ILE B 40 4.07 6.92 -23.92
C ILE B 40 3.50 8.24 -24.44
N ALA B 41 3.25 9.21 -23.55
CA ALA B 41 2.75 10.51 -24.00
C ALA B 41 3.75 11.15 -24.96
N ARG B 42 5.03 10.93 -24.71
CA ARG B 42 6.07 11.59 -25.45
C ARG B 42 6.23 10.94 -26.82
N GLN B 43 6.11 9.62 -26.86
CA GLN B 43 6.45 8.86 -28.05
C GLN B 43 5.49 7.67 -28.15
N PRO B 44 4.24 7.97 -28.54
CA PRO B 44 3.18 6.95 -28.58
C PRO B 44 3.57 5.76 -29.48
N GLU B 45 4.43 5.97 -30.46
CA GLU B 45 4.87 4.82 -31.26
C GLU B 45 5.74 3.83 -30.49
N ALA B 46 6.27 4.25 -29.35
CA ALA B 46 7.14 3.37 -28.57
C ALA B 46 6.33 2.63 -27.51
N GLU B 47 5.02 2.79 -27.58
CA GLU B 47 4.15 2.21 -26.59
C GLU B 47 4.44 0.72 -26.33
N GLY B 48 4.59 -0.07 -27.39
CA GLY B 48 4.80 -1.51 -27.22
C GLY B 48 6.10 -1.82 -26.48
N LYS B 49 7.18 -1.17 -26.89
CA LYS B 49 8.49 -1.36 -26.27
C LYS B 49 8.47 -0.94 -24.79
N ILE B 50 7.82 0.19 -24.53
CA ILE B 50 7.75 0.74 -23.20
C ILE B 50 6.98 -0.21 -22.27
N ARG B 51 5.85 -0.68 -22.76
CA ARG B 51 4.98 -1.56 -22.01
C ARG B 51 5.72 -2.85 -21.69
N GLY B 52 6.45 -3.35 -22.69
CA GLY B 52 7.19 -4.60 -22.53
C GLY B 52 8.21 -4.48 -21.43
N THR B 53 8.96 -3.38 -21.44
CA THR B 53 9.98 -3.13 -20.45
C THR B 53 9.37 -2.89 -19.04
N LEU B 54 8.29 -2.11 -18.96
CA LEU B 54 7.61 -1.86 -17.68
C LEU B 54 7.19 -3.19 -17.08
N LEU B 55 6.58 -4.03 -17.91
CA LEU B 55 5.96 -5.22 -17.43
C LEU B 55 7.01 -6.10 -16.73
N LEU B 56 8.11 -6.28 -17.44
CA LEU B 56 9.28 -6.95 -16.92
C LEU B 56 9.70 -6.37 -15.58
N SER B 57 9.80 -5.05 -15.52
CA SER B 57 10.20 -4.38 -14.30
C SER B 57 9.20 -4.60 -13.17
N LEU B 58 7.92 -4.54 -13.49
CA LEU B 58 6.90 -4.64 -12.48
C LEU B 58 7.04 -6.04 -11.83
N ALA B 59 7.44 -7.03 -12.63
CA ALA B 59 7.53 -8.43 -12.20
C ALA B 59 8.64 -8.62 -11.19
N PHE B 60 9.81 -8.07 -11.50
CA PHE B 60 10.92 -8.10 -10.57
C PHE B 60 10.55 -7.49 -9.24
N MET B 61 9.89 -6.34 -9.28
CA MET B 61 9.60 -5.61 -8.05
C MET B 61 8.56 -6.37 -7.27
N GLU B 62 7.59 -6.95 -7.97
N GLU B 62 7.58 -6.91 -8.00
CA GLU B 62 6.50 -7.63 -7.30
CA GLU B 62 6.51 -7.68 -7.40
C GLU B 62 7.01 -8.93 -6.65
C GLU B 62 7.15 -8.78 -6.57
N ALA B 63 8.06 -9.52 -7.22
CA ALA B 63 8.68 -10.71 -6.65
C ALA B 63 9.33 -10.39 -5.30
N LEU B 64 9.87 -9.18 -5.15
CA LEU B 64 10.43 -8.75 -3.87
C LEU B 64 9.35 -8.83 -2.79
N THR B 65 8.16 -8.30 -3.04
CA THR B 65 7.16 -8.32 -1.98
C THR B 65 6.68 -9.76 -1.78
N ILE B 66 6.72 -10.54 -2.85
CA ILE B 66 6.25 -11.92 -2.81
C ILE B 66 7.13 -12.78 -1.89
N TYR B 67 8.41 -12.43 -1.80
CA TYR B 67 9.27 -13.13 -0.86
C TYR B 67 8.75 -12.95 0.59
N GLY B 68 8.30 -11.75 0.89
CA GLY B 68 7.74 -11.45 2.19
C GLY B 68 6.46 -12.25 2.33
N LEU B 69 5.70 -12.34 1.23
CA LEU B 69 4.49 -13.12 1.26
C LEU B 69 4.80 -14.58 1.57
N VAL B 70 5.84 -15.16 0.97
CA VAL B 70 5.97 -16.58 1.23
C VAL B 70 6.41 -16.80 2.68
N VAL B 71 7.25 -15.92 3.21
CA VAL B 71 7.61 -16.05 4.61
C VAL B 71 6.33 -16.00 5.48
N ALA B 72 5.49 -15.01 5.23
CA ALA B 72 4.25 -14.87 5.99
C ALA B 72 3.46 -16.19 5.94
N LEU B 73 3.40 -16.77 4.76
CA LEU B 73 2.54 -17.92 4.55
C LEU B 73 3.19 -19.16 5.14
N VAL B 74 4.51 -19.25 5.10
CA VAL B 74 5.17 -20.38 5.74
C VAL B 74 4.84 -20.32 7.24
N LEU B 75 4.88 -19.10 7.78
CA LEU B 75 4.63 -18.85 9.21
C LEU B 75 3.20 -19.14 9.64
N LEU B 76 2.26 -19.02 8.72
CA LEU B 76 0.86 -19.20 9.07
C LEU B 76 0.36 -20.58 8.71
N PHE B 77 0.91 -21.18 7.66
CA PHE B 77 0.37 -22.44 7.18
C PHE B 77 1.38 -23.57 7.23
N ALA B 78 2.65 -23.28 7.47
CA ALA B 78 3.64 -24.35 7.51
C ALA B 78 4.68 -24.06 8.57
N ASN B 79 4.21 -23.58 9.72
CA ASN B 79 5.12 -23.14 10.76
C ASN B 79 5.96 -24.32 11.25
N PRO B 80 7.29 -24.15 11.22
CA PRO B 80 8.24 -25.17 11.64
C PRO B 80 8.30 -25.37 13.15
N PHE B 81 7.73 -24.46 13.93
CA PHE B 81 7.90 -24.56 15.37
C PHE B 81 6.59 -24.78 16.11
N VAL B 82 5.53 -24.14 15.66
CA VAL B 82 4.25 -24.10 16.38
C VAL B 82 3.06 -24.30 15.44
N FME C 1 -14.55 -14.09 24.87
CN FME C 1 -15.85 -13.63 24.91
O1 FME C 1 -16.11 -12.56 25.45
CA FME C 1 -14.53 -15.57 24.83
CB FME C 1 -15.23 -16.16 23.60
CG FME C 1 -16.29 -17.17 24.01
SD FME C 1 -17.51 -16.36 25.00
CE FME C 1 -19.13 -16.89 24.51
C FME C 1 -13.12 -16.04 24.84
O FME C 1 -12.85 -17.03 25.50
N GLU C 2 -12.21 -15.37 24.15
CA GLU C 2 -10.82 -15.81 24.24
C GLU C 2 -9.77 -14.70 24.21
N SER C 3 -8.92 -14.66 25.24
CA SER C 3 -7.90 -13.63 25.33
C SER C 3 -6.59 -14.18 25.81
N ASN C 4 -5.54 -14.00 25.02
CA ASN C 4 -4.19 -14.28 25.45
C ASN C 4 -3.20 -13.48 24.60
N LEU C 5 -1.91 -13.72 24.79
CA LEU C 5 -0.88 -13.01 24.10
C LEU C 5 -1.09 -13.14 22.58
N THR C 6 -1.47 -14.34 22.13
CA THR C 6 -1.52 -14.59 20.69
C THR C 6 -2.76 -13.98 20.01
N THR C 7 -3.90 -13.93 20.72
CA THR C 7 -5.07 -13.24 20.16
C THR C 7 -4.77 -11.73 20.08
N ALA C 8 -4.10 -11.21 21.10
CA ALA C 8 -3.78 -9.80 21.14
C ALA C 8 -2.80 -9.49 20.00
N ALA C 9 -1.80 -10.34 19.84
CA ALA C 9 -0.85 -10.16 18.74
C ALA C 9 -1.50 -10.29 17.37
N SER C 10 -2.50 -11.16 17.25
CA SER C 10 -3.12 -11.40 15.94
C SER C 10 -3.86 -10.17 15.44
N VAL C 11 -4.56 -9.50 16.35
CA VAL C 11 -5.40 -8.38 15.95
C VAL C 11 -4.52 -7.18 15.60
N ILE C 12 -3.45 -6.99 16.36
CA ILE C 12 -2.46 -5.98 16.02
C ILE C 12 -1.75 -6.30 14.70
N ALA C 13 -1.33 -7.54 14.54
CA ALA C 13 -0.67 -7.97 13.32
C ALA C 13 -1.60 -7.70 12.11
N ALA C 14 -2.88 -8.00 12.28
CA ALA C 14 -3.82 -7.82 11.17
C ALA C 14 -3.85 -6.37 10.69
N ALA C 15 -3.93 -5.44 11.62
CA ALA C 15 -3.97 -4.00 11.31
C ALA C 15 -2.69 -3.51 10.69
N LEU C 16 -1.56 -4.02 11.20
CA LEU C 16 -0.28 -3.57 10.71
C LEU C 16 -0.04 -4.06 9.28
N ALA C 17 -0.52 -5.25 8.97
CA ALA C 17 -0.30 -5.79 7.65
C ALA C 17 -0.99 -4.91 6.61
N VAL C 18 -2.25 -4.56 6.85
CA VAL C 18 -2.96 -3.74 5.86
C VAL C 18 -2.63 -2.27 5.97
N GLY C 19 -2.39 -1.78 7.18
CA GLY C 19 -2.05 -0.38 7.38
C GLY C 19 -0.71 0.00 6.78
N ILE C 20 0.35 -0.67 7.21
CA ILE C 20 1.68 -0.45 6.64
C ILE C 20 1.68 -0.82 5.14
N GLY C 21 1.02 -1.91 4.80
CA GLY C 21 0.98 -2.45 3.46
C GLY C 21 0.36 -1.50 2.44
N SER C 22 -0.33 -0.46 2.89
CA SER C 22 -0.95 0.51 1.97
C SER C 22 -0.02 1.73 1.73
N ILE C 23 1.04 1.86 2.51
CA ILE C 23 1.85 3.06 2.38
C ILE C 23 2.58 3.18 1.02
N GLY C 24 3.44 2.21 0.67
CA GLY C 24 4.20 2.33 -0.56
C GLY C 24 3.28 2.32 -1.78
N PRO C 25 2.33 1.37 -1.82
CA PRO C 25 1.45 1.28 -2.99
C PRO C 25 0.53 2.49 -3.12
N GLY C 26 0.11 3.11 -2.02
CA GLY C 26 -0.74 4.28 -2.13
C GLY C 26 0.03 5.44 -2.73
N LEU C 27 1.25 5.65 -2.26
CA LEU C 27 2.09 6.69 -2.83
C LEU C 27 2.41 6.39 -4.29
N GLY C 28 2.79 5.14 -4.57
CA GLY C 28 3.12 4.74 -5.93
C GLY C 28 1.98 4.93 -6.92
N GLN C 29 0.75 4.60 -6.49
CA GLN C 29 -0.41 4.76 -7.36
C GLN C 29 -0.65 6.22 -7.68
N GLY C 30 -0.45 7.11 -6.69
CA GLY C 30 -0.65 8.53 -6.93
C GLY C 30 0.37 9.04 -7.92
N GLN C 31 1.59 8.57 -7.78
CA GLN C 31 2.66 9.02 -8.64
C GLN C 31 2.34 8.60 -10.10
N ALA C 32 1.93 7.35 -10.27
CA ALA C 32 1.71 6.85 -11.62
C ALA C 32 0.49 7.52 -12.25
N ALA C 33 -0.58 7.68 -11.47
CA ALA C 33 -1.83 8.18 -12.02
C ALA C 33 -1.58 9.64 -12.35
N GLY C 34 -0.75 10.28 -11.54
CA GLY C 34 -0.44 11.69 -11.75
C GLY C 34 0.30 11.87 -13.07
N GLN C 35 1.28 11.03 -13.36
CA GLN C 35 2.00 11.16 -14.60
C GLN C 35 1.08 10.80 -15.76
N ALA C 36 0.14 9.89 -15.52
CA ALA C 36 -0.80 9.46 -16.56
C ALA C 36 -1.68 10.61 -17.02
N VAL C 37 -2.30 11.31 -16.08
CA VAL C 37 -3.20 12.40 -16.48
C VAL C 37 -2.40 13.60 -17.04
N GLU C 38 -1.15 13.77 -16.59
CA GLU C 38 -0.28 14.77 -17.20
C GLU C 38 0.00 14.41 -18.65
N GLY C 39 0.27 13.12 -18.88
CA GLY C 39 0.55 12.66 -20.22
C GLY C 39 -0.68 12.80 -21.12
N ILE C 40 -1.86 12.58 -20.56
CA ILE C 40 -3.07 12.73 -21.37
C ILE C 40 -3.22 14.18 -21.76
N ALA C 41 -3.00 15.10 -20.84
CA ALA C 41 -3.12 16.51 -21.16
C ALA C 41 -2.15 16.83 -22.26
N ARG C 42 -0.97 16.23 -22.21
CA ARG C 42 0.07 16.55 -23.16
C ARG C 42 -0.25 15.97 -24.55
N GLN C 43 -0.83 14.78 -24.59
CA GLN C 43 -1.03 14.10 -25.86
C GLN C 43 -2.33 13.30 -25.77
N PRO C 44 -3.46 14.03 -25.87
CA PRO C 44 -4.79 13.44 -25.70
C PRO C 44 -5.03 12.26 -26.64
N GLU C 45 -4.43 12.27 -27.83
CA GLU C 45 -4.52 11.10 -28.71
C GLU C 45 -3.97 9.79 -28.13
N ALA C 46 -3.14 9.89 -27.11
CA ALA C 46 -2.48 8.69 -26.60
C ALA C 46 -3.28 8.15 -25.41
N GLU C 47 -4.47 8.66 -25.21
CA GLU C 47 -5.16 8.38 -23.96
C GLU C 47 -5.45 6.88 -23.77
N GLY C 48 -5.89 6.18 -24.81
CA GLY C 48 -6.08 4.73 -24.72
C GLY C 48 -4.83 3.97 -24.30
N LYS C 49 -3.69 4.26 -24.93
CA LYS C 49 -2.43 3.59 -24.57
C LYS C 49 -2.00 3.91 -23.14
N ILE C 50 -2.17 5.17 -22.74
CA ILE C 50 -1.76 5.59 -21.42
C ILE C 50 -2.66 4.95 -20.37
N ARG C 51 -3.97 4.93 -20.63
CA ARG C 51 -4.92 4.31 -19.73
C ARG C 51 -4.65 2.80 -19.58
N GLY C 52 -4.33 2.14 -20.69
CA GLY C 52 -4.04 0.71 -20.65
C GLY C 52 -2.85 0.40 -19.75
N THR C 53 -1.73 1.06 -19.99
CA THR C 53 -0.54 0.90 -19.18
C THR C 53 -0.74 1.27 -17.69
N LEU C 54 -1.46 2.36 -17.43
CA LEU C 54 -1.76 2.77 -16.07
C LEU C 54 -2.55 1.67 -15.35
N LEU C 55 -3.54 1.14 -16.05
CA LEU C 55 -4.47 0.21 -15.45
C LEU C 55 -3.68 -1.03 -15.08
N LEU C 56 -2.85 -1.50 -16.00
CA LEU C 56 -1.94 -2.59 -15.68
C LEU C 56 -1.11 -2.29 -14.41
N SER C 57 -0.55 -1.09 -14.37
CA SER C 57 0.29 -0.71 -13.25
C SER C 57 -0.49 -0.66 -11.98
N LEU C 58 -1.72 -0.15 -12.04
CA LEU C 58 -2.48 0.04 -10.81
C LEU C 58 -2.73 -1.31 -10.13
N ALA C 59 -2.93 -2.32 -10.97
CA ALA C 59 -3.27 -3.67 -10.55
C ALA C 59 -2.11 -4.31 -9.79
N PHE C 60 -0.90 -4.19 -10.34
CA PHE C 60 0.31 -4.74 -9.73
C PHE C 60 0.53 -4.12 -8.34
N MET C 61 0.33 -2.81 -8.24
CA MET C 61 0.47 -2.09 -6.97
C MET C 61 -0.65 -2.47 -5.99
N GLU C 62 -1.87 -2.62 -6.49
N GLU C 62 -1.87 -2.63 -6.52
CA GLU C 62 -2.93 -2.93 -5.58
CA GLU C 62 -3.04 -2.98 -5.70
C GLU C 62 -2.64 -4.31 -5.01
C GLU C 62 -2.71 -4.31 -5.05
N ALA C 63 -2.15 -5.22 -5.85
CA ALA C 63 -1.83 -6.56 -5.40
C ALA C 63 -0.85 -6.55 -4.21
N LEU C 64 0.09 -5.61 -4.15
CA LEU C 64 1.00 -5.59 -3.01
C LEU C 64 0.24 -5.45 -1.69
N THR C 65 -0.79 -4.60 -1.71
CA THR C 65 -1.52 -4.31 -0.48
C THR C 65 -2.47 -5.46 -0.16
N ILE C 66 -2.99 -6.08 -1.22
CA ILE C 66 -3.86 -7.22 -1.08
C ILE C 66 -3.13 -8.37 -0.38
N TYR C 67 -1.81 -8.51 -0.57
CA TYR C 67 -1.09 -9.55 0.16
C TYR C 67 -1.24 -9.27 1.65
N GLY C 68 -1.15 -8.00 2.01
CA GLY C 68 -1.35 -7.58 3.37
C GLY C 68 -2.76 -7.91 3.84
N LEU C 69 -3.75 -7.66 2.99
CA LEU C 69 -5.13 -7.96 3.30
C LEU C 69 -5.24 -9.44 3.57
N VAL C 70 -4.62 -10.25 2.71
CA VAL C 70 -4.76 -11.69 2.84
C VAL C 70 -4.21 -12.14 4.19
N VAL C 71 -3.04 -11.66 4.58
CA VAL C 71 -2.49 -12.02 5.86
C VAL C 71 -3.47 -11.59 6.97
N ALA C 72 -3.98 -10.38 6.89
CA ALA C 72 -4.93 -9.92 7.88
C ALA C 72 -6.16 -10.84 7.97
N LEU C 73 -6.67 -11.27 6.81
CA LEU C 73 -7.88 -12.09 6.78
C LEU C 73 -7.63 -13.51 7.31
N VAL C 74 -6.45 -14.03 7.04
CA VAL C 74 -6.12 -15.35 7.57
C VAL C 74 -6.07 -15.25 9.10
N LEU C 75 -5.46 -14.16 9.59
CA LEU C 75 -5.32 -14.00 11.04
C LEU C 75 -6.66 -13.83 11.69
N LEU C 76 -7.62 -13.30 10.94
CA LEU C 76 -8.91 -12.99 11.54
C LEU C 76 -9.91 -14.10 11.30
N PHE C 77 -9.83 -14.81 10.18
CA PHE C 77 -10.87 -15.78 9.86
C PHE C 77 -10.32 -17.16 9.69
N ALA C 78 -9.01 -17.31 9.64
CA ALA C 78 -8.48 -18.69 9.57
C ALA C 78 -7.23 -18.81 10.43
N ASN C 79 -7.31 -18.34 11.67
CA ASN C 79 -6.11 -18.25 12.48
C ASN C 79 -5.57 -19.66 12.72
N PRO C 80 -4.27 -19.86 12.50
CA PRO C 80 -3.69 -21.19 12.70
C PRO C 80 -3.49 -21.52 14.19
N PHE C 81 -3.52 -20.54 15.07
CA PHE C 81 -3.14 -20.79 16.44
C PHE C 81 -4.28 -20.63 17.44
N VAL C 82 -5.07 -19.56 17.26
CA VAL C 82 -6.08 -19.22 18.26
C VAL C 82 -7.45 -18.94 17.66
N FME D 1 -18.59 -4.21 29.95
CN FME D 1 -19.58 -3.41 30.47
O1 FME D 1 -19.27 -2.39 31.08
CA FME D 1 -19.10 -5.55 29.67
CB FME D 1 -19.88 -5.61 28.36
CG FME D 1 -19.90 -7.02 27.74
SD FME D 1 -19.50 -6.92 26.03
CE FME D 1 -19.07 -8.52 25.40
C FME D 1 -17.93 -6.50 29.59
O FME D 1 -17.96 -7.55 30.24
N GLU D 2 -16.90 -6.15 28.82
CA GLU D 2 -15.71 -6.99 28.71
C GLU D 2 -14.41 -6.25 28.45
N SER D 3 -13.39 -6.51 29.26
CA SER D 3 -12.09 -5.91 29.06
C SER D 3 -11.01 -6.93 29.33
N ASN D 4 -10.08 -7.08 28.39
CA ASN D 4 -8.87 -7.86 28.60
C ASN D 4 -7.84 -7.33 27.60
N LEU D 5 -6.68 -7.97 27.53
CA LEU D 5 -5.62 -7.56 26.66
C LEU D 5 -6.13 -7.47 25.21
N THR D 6 -6.98 -8.41 24.83
CA THR D 6 -7.40 -8.58 23.45
C THR D 6 -8.46 -7.56 22.97
N THR D 7 -9.37 -7.18 23.86
CA THR D 7 -10.29 -6.08 23.57
C THR D 7 -9.45 -4.80 23.42
N ALA D 8 -8.49 -4.60 24.33
CA ALA D 8 -7.65 -3.41 24.29
C ALA D 8 -6.90 -3.39 22.98
N ALA D 9 -6.23 -4.50 22.67
CA ALA D 9 -5.47 -4.55 21.43
C ALA D 9 -6.37 -4.35 20.23
N SER D 10 -7.60 -4.88 20.30
CA SER D 10 -8.48 -4.83 19.14
C SER D 10 -8.86 -3.39 18.78
N VAL D 11 -9.16 -2.56 19.78
CA VAL D 11 -9.52 -1.17 19.52
C VAL D 11 -8.33 -0.38 19.04
N ILE D 12 -7.15 -0.62 19.62
CA ILE D 12 -5.97 0.05 19.10
C ILE D 12 -5.73 -0.37 17.64
N ALA D 13 -5.83 -1.67 17.40
CA ALA D 13 -5.60 -2.21 16.05
C ALA D 13 -6.57 -1.56 15.05
N ALA D 14 -7.84 -1.45 15.45
CA ALA D 14 -8.84 -0.92 14.52
C ALA D 14 -8.46 0.51 14.07
N ALA D 15 -7.97 1.31 15.02
CA ALA D 15 -7.59 2.69 14.75
C ALA D 15 -6.31 2.76 13.90
N LEU D 16 -5.35 1.90 14.19
CA LEU D 16 -4.13 1.91 13.40
C LEU D 16 -4.44 1.47 11.96
N ALA D 17 -5.36 0.52 11.80
CA ALA D 17 -5.68 0.06 10.45
C ALA D 17 -6.17 1.20 9.57
N VAL D 18 -7.17 1.95 10.03
CA VAL D 18 -7.72 3.04 9.21
C VAL D 18 -6.82 4.25 9.23
N GLY D 19 -6.23 4.55 10.38
CA GLY D 19 -5.41 5.73 10.49
C GLY D 19 -4.16 5.66 9.64
N ILE D 20 -3.39 4.59 9.83
CA ILE D 20 -2.17 4.45 9.02
C ILE D 20 -2.56 4.19 7.57
N GLY D 21 -3.67 3.48 7.36
CA GLY D 21 -4.09 3.06 6.04
C GLY D 21 -4.51 4.24 5.17
N SER D 22 -4.61 5.44 5.76
CA SER D 22 -4.99 6.60 4.94
C SER D 22 -3.77 7.47 4.52
N ILE D 23 -2.58 7.17 5.03
CA ILE D 23 -1.44 8.05 4.77
C ILE D 23 -1.01 7.98 3.29
N GLY D 24 -0.68 6.79 2.78
CA GLY D 24 -0.15 6.68 1.43
C GLY D 24 -1.25 7.06 0.44
N PRO D 25 -2.42 6.48 0.62
CA PRO D 25 -3.51 6.79 -0.31
C PRO D 25 -3.92 8.26 -0.29
N GLY D 26 -3.93 8.91 0.87
CA GLY D 26 -4.29 10.32 0.87
C GLY D 26 -3.26 11.17 0.14
N LEU D 27 -1.98 10.93 0.40
CA LEU D 27 -0.93 11.65 -0.30
C LEU D 27 -1.02 11.33 -1.81
N GLY D 28 -1.17 10.07 -2.16
CA GLY D 28 -1.27 9.69 -3.56
C GLY D 28 -2.43 10.36 -4.29
N GLN D 29 -3.59 10.43 -3.63
CA GLN D 29 -4.77 11.01 -4.24
C GLN D 29 -4.51 12.50 -4.54
N GLY D 30 -3.80 13.16 -3.63
CA GLY D 30 -3.47 14.56 -3.79
C GLY D 30 -2.54 14.79 -4.97
N GLN D 31 -1.54 13.92 -5.10
CA GLN D 31 -0.60 14.00 -6.21
C GLN D 31 -1.33 13.85 -7.56
N ALA D 32 -2.24 12.88 -7.62
CA ALA D 32 -2.90 12.58 -8.87
C ALA D 32 -3.92 13.65 -9.23
N ALA D 33 -4.68 14.09 -8.24
CA ALA D 33 -5.70 15.10 -8.47
C ALA D 33 -5.04 16.40 -8.89
N GLY D 34 -3.92 16.72 -8.28
CA GLY D 34 -3.22 17.95 -8.59
C GLY D 34 -2.71 17.91 -10.02
N GLN D 35 -2.23 16.76 -10.49
CA GLN D 35 -1.73 16.70 -11.84
C GLN D 35 -2.94 16.80 -12.79
N ALA D 36 -4.09 16.29 -12.35
CA ALA D 36 -5.29 16.30 -13.16
C ALA D 36 -5.74 17.73 -13.43
N VAL D 37 -5.85 18.56 -12.38
CA VAL D 37 -6.39 19.90 -12.60
C VAL D 37 -5.34 20.72 -13.36
N GLU D 38 -4.06 20.43 -13.14
CA GLU D 38 -3.02 21.11 -13.90
C GLU D 38 -3.16 20.73 -15.38
N GLY D 39 -3.47 19.46 -15.61
CA GLY D 39 -3.61 18.97 -16.96
C GLY D 39 -4.79 19.65 -17.63
N ILE D 40 -5.86 19.84 -16.87
CA ILE D 40 -7.06 20.48 -17.40
C ILE D 40 -6.78 21.94 -17.72
N ALA D 41 -5.94 22.61 -16.93
CA ALA D 41 -5.55 23.97 -17.27
C ALA D 41 -4.77 24.03 -18.59
N ARG D 42 -3.91 23.05 -18.79
CA ARG D 42 -3.08 23.04 -19.97
C ARG D 42 -3.92 22.71 -21.22
N GLN D 43 -4.88 21.79 -21.09
CA GLN D 43 -5.65 21.30 -22.24
C GLN D 43 -7.09 21.09 -21.86
N PRO D 44 -7.87 22.17 -21.80
CA PRO D 44 -9.23 22.00 -21.29
C PRO D 44 -10.05 21.06 -22.17
N GLU D 45 -9.68 20.95 -23.44
CA GLU D 45 -10.37 19.99 -24.29
C GLU D 45 -10.26 18.54 -23.87
N ALA D 46 -9.23 18.20 -23.10
CA ALA D 46 -8.99 16.81 -22.68
C ALA D 46 -9.63 16.55 -21.34
N GLU D 47 -10.43 17.50 -20.90
CA GLU D 47 -10.98 17.41 -19.57
C GLU D 47 -11.70 16.08 -19.31
N GLY D 48 -12.46 15.58 -20.28
CA GLY D 48 -13.21 14.35 -20.06
C GLY D 48 -12.31 13.12 -19.94
N LYS D 49 -11.24 13.10 -20.74
CA LYS D 49 -10.30 11.99 -20.70
C LYS D 49 -9.55 12.02 -19.37
N ILE D 50 -9.17 13.22 -18.96
CA ILE D 50 -8.41 13.39 -17.76
C ILE D 50 -9.24 12.97 -16.56
N ARG D 51 -10.46 13.48 -16.49
CA ARG D 51 -11.37 13.16 -15.41
C ARG D 51 -11.65 11.63 -15.30
N GLY D 52 -11.82 10.97 -16.43
CA GLY D 52 -12.16 9.56 -16.41
C GLY D 52 -11.02 8.77 -15.84
N THR D 53 -9.80 9.12 -16.26
CA THR D 53 -8.62 8.41 -15.79
C THR D 53 -8.33 8.70 -14.32
N LEU D 54 -8.55 9.95 -13.91
CA LEU D 54 -8.40 10.33 -12.52
C LEU D 54 -9.34 9.49 -11.63
N LEU D 55 -10.58 9.37 -12.09
CA LEU D 55 -11.62 8.77 -11.29
C LEU D 55 -11.28 7.30 -11.05
N LEU D 56 -10.92 6.63 -12.13
CA LEU D 56 -10.41 5.26 -12.08
C LEU D 56 -9.32 5.16 -11.00
N SER D 57 -8.40 6.10 -11.03
CA SER D 57 -7.24 6.11 -10.17
C SER D 57 -7.65 6.29 -8.73
N LEU D 58 -8.58 7.22 -8.50
CA LEU D 58 -8.95 7.60 -7.16
C LEU D 58 -9.59 6.37 -6.53
N ALA D 59 -10.28 5.59 -7.35
CA ALA D 59 -10.96 4.41 -6.82
C ALA D 59 -9.95 3.35 -6.34
N PHE D 60 -8.89 3.11 -7.11
CA PHE D 60 -7.86 2.14 -6.70
C PHE D 60 -7.21 2.55 -5.38
N MET D 61 -6.97 3.85 -5.22
CA MET D 61 -6.35 4.35 -4.01
C MET D 61 -7.32 4.29 -2.84
N GLU D 62 -8.59 4.60 -3.10
N GLU D 62 -8.59 4.61 -3.10
CA GLU D 62 -9.57 4.58 -2.03
CA GLU D 62 -9.66 4.55 -2.08
C GLU D 62 -9.71 3.16 -1.49
C GLU D 62 -9.70 3.15 -1.49
N ALA D 63 -9.63 2.17 -2.39
CA ALA D 63 -9.73 0.75 -2.00
C ALA D 63 -8.62 0.35 -1.02
N LEU D 64 -7.44 0.94 -1.16
CA LEU D 64 -6.34 0.59 -0.27
C LEU D 64 -6.72 0.92 1.20
N THR D 65 -7.31 2.10 1.44
CA THR D 65 -7.66 2.48 2.80
C THR D 65 -8.88 1.68 3.25
N ILE D 66 -9.75 1.33 2.29
CA ILE D 66 -10.92 0.54 2.60
C ILE D 66 -10.52 -0.84 3.16
N TYR D 67 -9.42 -1.41 2.69
CA TYR D 67 -8.92 -2.66 3.24
C TYR D 67 -8.66 -2.47 4.75
N GLY D 68 -8.05 -1.35 5.10
CA GLY D 68 -7.85 -0.97 6.47
C GLY D 68 -9.21 -0.86 7.16
N LEU D 69 -10.16 -0.16 6.55
CA LEU D 69 -11.47 0.01 7.15
C LEU D 69 -12.11 -1.36 7.45
N VAL D 70 -11.98 -2.28 6.50
CA VAL D 70 -12.57 -3.59 6.64
C VAL D 70 -11.96 -4.30 7.84
N VAL D 71 -10.63 -4.27 7.96
CA VAL D 71 -10.02 -4.95 9.10
C VAL D 71 -10.52 -4.29 10.39
N ALA D 72 -10.70 -2.98 10.35
CA ALA D 72 -11.20 -2.26 11.52
C ALA D 72 -12.60 -2.71 11.86
N LEU D 73 -13.41 -2.95 10.84
CA LEU D 73 -14.80 -3.28 11.07
C LEU D 73 -14.98 -4.72 11.58
N VAL D 74 -14.22 -5.68 11.06
CA VAL D 74 -14.37 -7.02 11.57
C VAL D 74 -13.91 -7.08 13.03
N LEU D 75 -12.87 -6.32 13.32
CA LEU D 75 -12.30 -6.23 14.65
C LEU D 75 -13.30 -5.65 15.65
N LEU D 76 -14.16 -4.79 15.16
CA LEU D 76 -15.16 -4.13 15.99
C LEU D 76 -16.50 -4.86 16.04
N PHE D 77 -16.91 -5.46 14.92
CA PHE D 77 -18.26 -6.00 14.80
C PHE D 77 -18.30 -7.51 14.52
N ALA D 78 -17.15 -8.10 14.21
CA ALA D 78 -17.10 -9.54 14.05
C ALA D 78 -15.78 -10.08 14.62
N ASN D 79 -15.44 -9.64 15.83
CA ASN D 79 -14.17 -10.05 16.40
C ASN D 79 -14.19 -11.57 16.53
N PRO D 80 -13.14 -12.24 16.07
CA PRO D 80 -13.04 -13.69 16.16
C PRO D 80 -12.73 -14.19 17.58
N PHE D 81 -12.23 -13.32 18.45
CA PHE D 81 -11.70 -13.74 19.76
C PHE D 81 -12.49 -13.25 20.98
N VAL D 82 -12.92 -11.99 20.96
CA VAL D 82 -13.51 -11.35 22.15
C VAL D 82 -14.78 -10.55 21.83
N FME E 1 -17.62 6.28 35.94
CN FME E 1 -18.47 7.35 35.80
O1 FME E 1 -18.05 8.49 35.90
CA FME E 1 -18.39 5.05 35.81
CB FME E 1 -19.43 5.16 34.68
CG FME E 1 -20.26 3.89 34.56
SD FME E 1 -20.57 3.53 32.87
CE FME E 1 -21.15 1.86 32.75
C FME E 1 -17.44 3.91 35.57
O FME E 1 -17.16 3.16 36.51
N GLU E 2 -16.94 3.74 34.33
CA GLU E 2 -16.01 2.62 34.11
C GLU E 2 -14.64 2.94 33.56
N SER E 3 -13.62 2.40 34.22
CA SER E 3 -12.25 2.54 33.78
C SER E 3 -11.62 1.19 33.81
N ASN E 4 -11.10 0.73 32.69
CA ASN E 4 -10.23 -0.44 32.68
C ASN E 4 -9.32 -0.25 31.46
N LEU E 5 -8.64 -1.30 31.04
CA LEU E 5 -7.57 -1.15 30.08
C LEU E 5 -8.20 -0.83 28.72
N THR E 6 -9.39 -1.36 28.48
CA THR E 6 -10.10 -1.18 27.23
C THR E 6 -10.77 0.19 27.06
N THR E 7 -11.21 0.81 28.15
CA THR E 7 -11.79 2.13 28.04
C THR E 7 -10.66 3.11 27.74
N ALA E 8 -9.55 2.95 28.45
CA ALA E 8 -8.34 3.73 28.26
C ALA E 8 -7.85 3.57 26.83
N ALA E 9 -7.85 2.34 26.35
CA ALA E 9 -7.38 2.06 25.01
C ALA E 9 -8.34 2.65 24.00
N SER E 10 -9.63 2.60 24.30
CA SER E 10 -10.64 3.06 23.34
C SER E 10 -10.52 4.56 23.07
N VAL E 11 -10.26 5.33 24.12
CA VAL E 11 -10.16 6.77 23.97
C VAL E 11 -8.88 7.13 23.19
N ILE E 12 -7.77 6.47 23.51
CA ILE E 12 -6.55 6.73 22.76
C ILE E 12 -6.70 6.32 21.28
N ALA E 13 -7.30 5.15 21.05
CA ALA E 13 -7.54 4.69 19.71
C ALA E 13 -8.39 5.69 18.91
N ALA E 14 -9.44 6.23 19.52
CA ALA E 14 -10.33 7.12 18.81
C ALA E 14 -9.51 8.32 18.33
N ALA E 15 -8.74 8.90 19.23
CA ALA E 15 -7.83 10.00 18.87
C ALA E 15 -6.79 9.67 17.77
N LEU E 16 -6.27 8.46 17.80
CA LEU E 16 -5.25 8.07 16.84
C LEU E 16 -5.92 7.89 15.50
N ALA E 17 -7.12 7.35 15.49
CA ALA E 17 -7.82 7.16 14.23
C ALA E 17 -8.03 8.47 13.49
N VAL E 18 -8.55 9.49 14.17
CA VAL E 18 -8.80 10.75 13.47
C VAL E 18 -7.56 11.61 13.31
N GLY E 19 -6.63 11.52 14.25
CA GLY E 19 -5.45 12.36 14.22
C GLY E 19 -4.51 11.91 13.12
N ILE E 20 -4.09 10.64 13.18
CA ILE E 20 -3.23 10.09 12.15
C ILE E 20 -3.92 10.12 10.77
N GLY E 21 -5.19 9.76 10.76
CA GLY E 21 -6.03 9.70 9.58
C GLY E 21 -6.19 11.01 8.80
N SER E 22 -5.78 12.14 9.38
CA SER E 22 -5.90 13.43 8.69
C SER E 22 -4.59 13.86 8.01
N ILE E 23 -3.50 13.15 8.28
CA ILE E 23 -2.19 13.60 7.84
C ILE E 23 -2.04 13.52 6.32
N GLY E 24 -2.30 12.34 5.76
CA GLY E 24 -2.15 12.15 4.32
C GLY E 24 -3.16 12.95 3.51
N PRO E 25 -4.44 12.78 3.83
CA PRO E 25 -5.52 13.56 3.19
C PRO E 25 -5.34 15.05 3.34
N GLY E 26 -4.91 15.54 4.51
CA GLY E 26 -4.65 16.97 4.64
C GLY E 26 -3.54 17.50 3.74
N LEU E 27 -2.45 16.75 3.63
CA LEU E 27 -1.38 17.14 2.72
C LEU E 27 -1.89 17.05 1.27
N GLY E 28 -2.57 15.96 0.94
CA GLY E 28 -3.02 15.74 -0.41
C GLY E 28 -4.05 16.77 -0.88
N GLN E 29 -5.00 17.12 0.00
CA GLN E 29 -5.97 18.15 -0.34
C GLN E 29 -5.26 19.46 -0.65
N GLY E 30 -4.19 19.76 0.11
CA GLY E 30 -3.48 20.99 -0.15
C GLY E 30 -2.74 20.98 -1.49
N GLN E 31 -2.18 19.83 -1.83
CA GLN E 31 -1.42 19.69 -3.07
C GLN E 31 -2.38 19.87 -4.25
N ALA E 32 -3.57 19.25 -4.13
CA ALA E 32 -4.55 19.31 -5.20
C ALA E 32 -5.09 20.74 -5.39
N ALA E 33 -5.47 21.35 -4.28
CA ALA E 33 -6.09 22.67 -4.28
C ALA E 33 -5.11 23.75 -4.78
N GLY E 34 -3.84 23.63 -4.41
CA GLY E 34 -2.83 24.56 -4.87
C GLY E 34 -2.65 24.43 -6.38
N GLN E 35 -2.65 23.20 -6.87
CA GLN E 35 -2.53 22.98 -8.30
C GLN E 35 -3.80 23.51 -9.00
N ALA E 36 -4.96 23.31 -8.38
CA ALA E 36 -6.21 23.84 -8.91
C ALA E 36 -6.19 25.37 -9.06
N VAL E 37 -5.77 26.09 -8.01
CA VAL E 37 -5.78 27.56 -8.13
C VAL E 37 -4.65 28.06 -9.06
N GLU E 38 -3.54 27.33 -9.12
CA GLU E 38 -2.54 27.64 -10.12
C GLU E 38 -3.11 27.44 -11.56
N GLY E 39 -3.92 26.41 -11.75
CA GLY E 39 -4.49 26.14 -13.07
C GLY E 39 -5.43 27.26 -13.50
N ILE E 40 -6.25 27.72 -12.56
CA ILE E 40 -7.23 28.75 -12.78
C ILE E 40 -6.54 30.03 -13.21
N ALA E 41 -5.50 30.43 -12.49
CA ALA E 41 -4.72 31.59 -12.87
C ALA E 41 -4.18 31.41 -14.29
N ARG E 42 -3.75 30.20 -14.62
CA ARG E 42 -3.17 29.94 -15.92
C ARG E 42 -4.30 29.98 -17.00
N GLN E 43 -5.47 29.45 -16.69
CA GLN E 43 -6.46 29.35 -17.73
C GLN E 43 -7.82 29.55 -17.12
N PRO E 44 -8.14 30.82 -16.84
CA PRO E 44 -9.37 31.17 -16.11
C PRO E 44 -10.62 30.63 -16.79
N GLU E 45 -10.55 30.39 -18.11
CA GLU E 45 -11.70 29.81 -18.82
C GLU E 45 -12.03 28.38 -18.43
N ALA E 46 -11.03 27.67 -17.91
CA ALA E 46 -11.21 26.28 -17.50
C ALA E 46 -11.67 26.20 -16.05
N GLU E 47 -11.98 27.34 -15.45
CA GLU E 47 -12.25 27.32 -14.02
C GLU E 47 -13.31 26.31 -13.63
N GLY E 48 -14.41 26.25 -14.39
CA GLY E 48 -15.51 25.36 -14.03
C GLY E 48 -15.06 23.92 -14.09
N LYS E 49 -14.29 23.59 -15.12
CA LYS E 49 -13.83 22.23 -15.30
C LYS E 49 -12.85 21.89 -14.17
N ILE E 50 -11.97 22.85 -13.85
CA ILE E 50 -11.02 22.65 -12.78
C ILE E 50 -11.71 22.45 -11.42
N ARG E 51 -12.62 23.36 -11.10
CA ARG E 51 -13.36 23.36 -9.84
C ARG E 51 -14.11 22.03 -9.69
N GLY E 52 -14.73 21.58 -10.78
CA GLY E 52 -15.49 20.34 -10.78
C GLY E 52 -14.60 19.16 -10.44
N THR E 53 -13.49 19.04 -11.16
CA THR E 53 -12.59 17.93 -10.90
C THR E 53 -11.97 18.00 -9.48
N LEU E 54 -11.66 19.20 -9.01
CA LEU E 54 -11.12 19.38 -7.66
C LEU E 54 -12.10 18.92 -6.60
N LEU E 55 -13.37 19.26 -6.79
CA LEU E 55 -14.40 18.93 -5.83
C LEU E 55 -14.50 17.41 -5.64
N LEU E 56 -14.54 16.72 -6.77
CA LEU E 56 -14.53 15.27 -6.82
C LEU E 56 -13.36 14.69 -6.01
N SER E 57 -12.19 15.27 -6.24
CA SER E 57 -10.96 14.84 -5.59
C SER E 57 -11.01 15.05 -4.10
N LEU E 58 -11.45 16.24 -3.69
CA LEU E 58 -11.46 16.62 -2.30
C LEU E 58 -12.39 15.67 -1.54
N ALA E 59 -13.50 15.31 -2.17
CA ALA E 59 -14.44 14.41 -1.48
C ALA E 59 -13.84 13.02 -1.24
N PHE E 60 -13.15 12.49 -2.25
CA PHE E 60 -12.43 11.23 -2.11
C PHE E 60 -11.41 11.26 -0.94
N MET E 61 -10.62 12.33 -0.83
CA MET E 61 -9.64 12.45 0.24
C MET E 61 -10.34 12.63 1.58
N GLU E 62 -11.42 13.38 1.60
N GLU E 62 -11.43 13.40 1.57
CA GLU E 62 -12.11 13.65 2.85
CA GLU E 62 -12.22 13.68 2.77
C GLU E 62 -12.68 12.35 3.37
C GLU E 62 -12.69 12.37 3.34
N ALA E 63 -13.22 11.52 2.47
CA ALA E 63 -13.74 10.22 2.85
C ALA E 63 -12.68 9.35 3.57
N LEU E 64 -11.39 9.47 3.21
CA LEU E 64 -10.34 8.69 3.85
C LEU E 64 -10.28 8.98 5.35
N THR E 65 -10.32 10.26 5.70
CA THR E 65 -10.27 10.66 7.10
C THR E 65 -11.61 10.33 7.75
N ILE E 66 -12.69 10.40 6.97
CA ILE E 66 -13.98 10.08 7.54
C ILE E 66 -13.99 8.62 8.01
N TYR E 67 -13.20 7.76 7.36
CA TYR E 67 -13.17 6.37 7.80
C TYR E 67 -12.60 6.30 9.21
N GLY E 68 -11.62 7.15 9.47
CA GLY E 68 -11.02 7.27 10.79
C GLY E 68 -12.06 7.77 11.78
N LEU E 69 -12.78 8.83 11.38
CA LEU E 69 -13.80 9.41 12.20
C LEU E 69 -14.82 8.35 12.64
N VAL E 70 -15.28 7.53 11.70
CA VAL E 70 -16.30 6.57 12.07
C VAL E 70 -15.74 5.52 13.03
N VAL E 71 -14.50 5.07 12.84
CA VAL E 71 -13.93 4.17 13.82
C VAL E 71 -13.91 4.85 15.20
N ALA E 72 -13.47 6.11 15.23
CA ALA E 72 -13.48 6.88 16.47
C ALA E 72 -14.90 6.96 17.07
N LEU E 73 -15.89 7.17 16.22
CA LEU E 73 -17.26 7.30 16.69
C LEU E 73 -17.78 5.97 17.25
N VAL E 74 -17.46 4.87 16.58
CA VAL E 74 -17.92 3.58 17.05
C VAL E 74 -17.30 3.34 18.41
N LEU E 75 -15.99 3.63 18.52
CA LEU E 75 -15.29 3.43 19.78
C LEU E 75 -15.90 4.23 20.91
N LEU E 76 -16.47 5.39 20.58
CA LEU E 76 -17.01 6.27 21.63
C LEU E 76 -18.51 6.16 21.88
N PHE E 77 -19.27 5.66 20.92
CA PHE E 77 -20.73 5.73 21.00
C PHE E 77 -21.36 4.38 20.75
N ALA E 78 -20.62 3.44 20.19
CA ALA E 78 -21.16 2.12 19.93
C ALA E 78 -20.13 1.06 20.28
N ASN E 79 -19.41 1.27 21.38
CA ASN E 79 -18.29 0.42 21.73
C ASN E 79 -18.77 -1.01 21.98
N PRO E 80 -18.20 -1.97 21.22
CA PRO E 80 -18.62 -3.38 21.34
C PRO E 80 -18.20 -4.03 22.64
N PHE E 81 -17.24 -3.46 23.34
CA PHE E 81 -16.69 -4.15 24.48
C PHE E 81 -17.00 -3.48 25.81
N VAL E 82 -16.95 -2.15 25.84
CA VAL E 82 -17.04 -1.40 27.10
C VAL E 82 -18.09 -0.31 27.03
N1 DCW F . 14.34 -12.17 -9.30
O1 DCW F . 15.71 -13.89 -8.96
C1 DCW F . 15.36 -12.96 -9.68
C2 DCW F . 12.98 -12.40 -9.81
N2 DCW F . 15.98 -12.75 -10.83
C3 DCW F . 12.74 -11.50 -11.02
C7 DCW F . 12.88 -13.84 -10.31
C4 DCW F . 11.37 -11.73 -11.65
C5 DCW F . 11.24 -13.17 -12.08
C6 DCW F . 11.50 -14.11 -10.92
C8 DCW F . 17.42 -12.94 -10.92
C9 DCW F . 18.08 -12.46 -9.64
C13 DCW F . 17.75 -14.41 -11.15
C10 DCW F . 19.51 -12.97 -9.54
C11 DCW F . 19.50 -14.48 -9.32
C12 DCW F . 18.19 -15.07 -9.85
C4 CVM G . 14.93 -16.92 -10.17
C6 CVM G . 14.50 -16.99 -8.70
C7 CVM G . 13.23 -17.84 -8.60
C8 CVM G . 12.84 -18.07 -7.14
C9 CVM G . 13.77 -17.30 -6.21
C10 CVM G . 15.22 -17.75 -6.42
C11 CVM G . 15.62 -17.62 -7.88
C4 CVM H . 14.79 -24.64 1.77
C6 CVM H . 16.03 -23.83 2.14
C7 CVM H . 16.67 -23.24 0.89
C8 CVM H . 17.96 -22.48 1.18
C9 CVM H . 18.30 -22.55 2.66
C10 CVM H . 18.33 -24.00 3.16
C11 CVM H . 17.03 -24.73 2.86
C6 CVM I . 10.97 -19.43 -2.44
C7 CVM I . 10.33 -20.57 -3.23
C8 CVM I . 10.65 -20.41 -4.72
C9 CVM I . 10.09 -19.08 -5.22
C10 CVM I . 10.74 -17.94 -4.45
C11 CVM I . 10.47 -18.09 -2.96
C2 CVM J . 27.04 -11.13 -19.65
C3 CVM J . 26.69 -10.22 -18.48
C4 CVM J . 27.87 -10.03 -17.54
C6 CVM J . 27.80 -10.95 -16.32
C7 CVM J . 29.10 -10.86 -15.52
C8 CVM J . 28.88 -10.27 -14.14
C9 CVM J . 27.91 -11.14 -13.33
C10 CVM J . 26.62 -11.35 -14.11
C11 CVM J . 26.63 -10.57 -15.42
C1 CVM K . 11.65 -12.50 26.74
C2 CVM K . 10.71 -11.75 25.78
C3 CVM K . 11.51 -11.31 24.55
C4 CVM K . 10.70 -10.80 23.34
C6 CVM K . 11.48 -10.95 22.02
C7 CVM K . 11.64 -9.62 21.31
C8 CVM K . 12.04 -9.75 19.83
C9 CVM K . 12.57 -11.13 19.47
C10 CVM K . 11.61 -12.26 19.89
C11 CVM K . 10.73 -11.88 21.07
O12 CVM K . 11.00 -13.48 27.53
C13 CVM K . 11.48 -14.81 27.26
O14 CVM K . 10.40 -15.75 27.26
C15 CVM K . 10.79 -16.98 26.63
C16 CVM K . 11.93 -17.65 27.41
C17 CVM K . 13.05 -16.65 27.79
C18 CVM K . 12.50 -15.31 28.28
C19 CVM K . 9.58 -17.91 26.46
O20 CVM K . 9.87 -18.95 25.52
O21 CVM K . 13.87 -17.20 28.84
O22 CVM K . 13.57 -14.38 28.45
O23 CVM K . 12.39 -18.78 26.64
C24 CVM K . 12.53 -19.95 27.45
O25 CVM K . 11.33 -20.74 27.40
C26 CVM K . 11.33 -21.95 26.62
C27 CVM K . 12.55 -22.84 26.90
C28 CVM K . 13.86 -22.09 26.59
C29 CVM K . 13.84 -20.60 26.98
C30 CVM K . 10.03 -22.72 26.85
O31 CVM K . 8.87 -21.89 26.71
O32 CVM K . 12.50 -24.06 26.10
O33 CVM K . 15.00 -22.73 27.18
O34 CVM K . 14.36 -19.79 25.89
C4 CVM L . 24.18 -15.23 -7.16
C6 CVM L . 22.84 -15.93 -7.33
C7 CVM L . 21.72 -14.95 -6.99
C8 CVM L . 21.66 -14.73 -5.49
C9 CVM L . 21.18 -16.01 -4.81
C10 CVM L . 21.41 -17.22 -5.71
C11 CVM L . 22.78 -17.13 -6.39
C4 CVM M . 19.05 -19.68 -4.46
C6 CVM M . 18.20 -20.15 -3.29
C7 CVM M . 17.65 -18.93 -2.55
C8 CVM M . 16.47 -18.36 -3.30
C9 CVM M . 15.27 -19.30 -3.16
C10 CVM M . 15.76 -20.72 -2.97
C11 CVM M . 17.02 -20.97 -3.80
C4 CVM N . 11.72 -24.54 0.51
C6 CVM N . 10.44 -23.73 0.66
C7 CVM N . 9.22 -24.64 0.54
C8 CVM N . 7.91 -23.87 0.55
C9 CVM N . 8.15 -22.38 0.72
C10 CVM N . 9.08 -21.87 -0.37
C11 CVM N . 10.40 -22.65 -0.42
C4 CVM O . 22.04 -11.01 -17.59
C6 CVM O . 20.67 -11.62 -17.24
C7 CVM O . 20.78 -13.14 -17.17
C8 CVM O . 21.02 -13.59 -15.73
C9 CVM O . 19.78 -13.34 -14.88
C10 CVM O . 19.14 -12.04 -15.32
C11 CVM O . 20.20 -11.10 -15.89
C1 CVM P . 5.70 -11.30 25.98
C2 CVM P . 6.16 -9.96 25.39
C3 CVM P . 6.52 -10.07 23.91
C4 CVM P . 5.39 -9.55 23.02
C6 CVM P . 5.64 -9.77 21.53
C7 CVM P . 6.76 -8.87 21.04
C8 CVM P . 7.01 -9.00 19.54
C9 CVM P . 6.25 -10.18 18.96
C10 CVM P . 6.44 -11.43 19.81
C11 CVM P . 6.05 -11.21 21.27
O12 CVM P . 6.47 -11.63 27.14
C13 CVM P . 5.86 -12.67 27.91
O14 CVM P . 6.36 -12.60 29.26
C15 CVM P . 6.20 -13.80 30.03
C16 CVM P . 7.00 -14.97 29.46
C17 CVM P . 7.30 -14.76 27.98
C18 CVM P . 6.14 -14.05 27.29
C19 CVM P . 6.56 -13.52 31.49
O20 CVM P . 7.70 -12.68 31.55
O21 CVM P . 8.48 -13.96 27.85
O22 CVM P . 4.98 -14.88 27.33
O23 CVM P . 6.26 -16.17 29.72
C24 CVM P . 6.64 -17.36 29.00
O25 CVM P . 8.04 -17.63 29.20
C26 CVM P . 8.38 -18.85 29.86
C27 CVM P . 7.66 -20.02 29.20
C28 CVM P . 6.16 -19.90 29.42
C29 CVM P . 5.67 -18.46 29.47
C30 CVM P . 9.89 -19.06 29.80
O31 CVM P . 10.56 -18.00 30.51
O32 CVM P . 8.12 -21.24 29.78
O33 CVM P . 5.48 -20.59 28.36
O34 CVM P . 5.20 -18.14 30.80
C2 CVM Q . 13.13 -11.44 -20.90
C3 CVM Q . 14.08 -11.96 -19.84
C4 CVM Q . 13.31 -12.46 -18.61
C6 CVM Q . 14.17 -12.61 -17.36
C7 CVM Q . 15.42 -13.45 -17.68
C8 CVM Q . 16.25 -13.74 -16.42
C9 CVM Q . 15.63 -13.18 -15.15
C10 CVM Q . 14.18 -13.63 -15.02
C11 CVM Q . 13.35 -13.27 -16.26
N1 DCW R . 2.72 -10.11 -9.14
O1 DCW R . 3.48 -12.21 -9.28
C1 DCW R . 3.43 -11.09 -9.73
C2 DCW R . 1.26 -9.98 -9.31
N2 DCW R . 4.10 -10.80 -10.83
C3 DCW R . 0.99 -8.62 -9.97
C7 DCW R . 0.77 -11.09 -10.24
C4 DCW R . -0.47 -8.43 -10.32
C5 DCW R . -0.89 -9.51 -11.31
C6 DCW R . -0.69 -10.86 -10.63
C8 DCW R . 5.29 -11.55 -11.20
C9 DCW R . 6.33 -11.46 -10.09
C13 DCW R . 4.95 -13.02 -11.48
C10 DCW R . 6.92 -12.82 -9.79
C11 DCW R . 7.37 -13.49 -11.08
C12 DCW R . 6.19 -13.72 -12.01
C6 CVM S . 10.13 -16.36 -8.62
C7 CVM S . 8.94 -17.31 -8.44
C8 CVM S . 7.66 -16.54 -8.74
C9 CVM S . 7.50 -15.35 -7.80
C10 CVM S . 8.71 -15.21 -6.87
C11 CVM S . 10.00 -15.14 -7.70
C4 CVM T . 0.91 -20.03 -3.03
C6 CVM T . 2.18 -19.19 -3.04
C7 CVM T . 2.87 -19.30 -4.39
C8 CVM T . 4.07 -18.38 -4.49
C9 CVM T . 4.31 -17.70 -3.15
C10 CVM T . 3.09 -16.87 -2.75
C11 CVM T . 1.83 -17.73 -2.78
C3 CVM U . -6.56 -16.74 0.68
C4 CVM U . -6.14 -17.71 1.78
C6 CVM U . -5.46 -18.92 1.16
C7 CVM U . -4.78 -19.74 2.27
C8 CVM U . -3.65 -20.58 1.69
C9 CVM U . -2.52 -19.69 1.19
C10 CVM U . -3.05 -18.32 0.82
C11 CVM U . -4.42 -18.43 0.16
C6 CVM V . -2.50 -13.88 -2.79
C7 CVM V . -3.93 -14.37 -3.03
C8 CVM V . -3.87 -15.52 -4.04
C9 CVM V . -2.99 -16.66 -3.53
C10 CVM V . -2.38 -16.31 -2.18
C11 CVM V . -1.61 -15.01 -2.30
C1 CVM W . -2.15 -23.59 2.64
C2 CVM W . -1.64 -23.22 1.25
C3 CVM W . -0.40 -22.33 1.29
C4 CVM W . 0.70 -22.93 2.17
C6 CVM W . 2.08 -22.70 1.57
C7 CVM W . 3.17 -23.18 2.53
C8 CVM W . 4.54 -22.92 1.94
C9 CVM W . 4.47 -22.31 0.55
C10 CVM W . 3.65 -21.01 0.59
C11 CVM W . 2.31 -21.22 1.27
C3 CVM X . 8.93 -11.60 -20.16
C4 CVM X . 7.62 -10.87 -19.86
C6 CVM X . 7.36 -10.73 -18.37
C7 CVM X . 6.06 -9.98 -18.14
C8 CVM X . 5.64 -9.91 -16.67
C9 CVM X . 5.52 -11.31 -16.11
C10 CVM X . 6.85 -12.03 -16.26
C11 CVM X . 7.26 -12.12 -17.73
C1 CVM Y . -3.51 -7.79 -21.32
C2 CVM Y . -2.59 -8.40 -20.26
C3 CVM Y . -1.54 -7.40 -19.82
C4 CVM Y . -0.24 -8.08 -19.46
C6 CVM Y . -0.37 -9.04 -18.27
C7 CVM Y . 1.03 -9.52 -17.88
C8 CVM Y . 1.06 -10.26 -16.54
C9 CVM Y . -0.35 -10.49 -16.01
C10 CVM Y . -1.09 -9.18 -15.84
C11 CVM Y . -1.03 -8.32 -17.08
N1 DCW Z . -7.91 -3.41 -6.73
O1 DCW Z . -8.00 -5.64 -6.81
C1 DCW Z . -7.73 -4.58 -7.36
C2 DCW Z . -9.28 -2.84 -6.66
N2 DCW Z . -7.27 -4.59 -8.61
C3 DCW Z . -9.18 -1.37 -7.08
C7 DCW Z . -10.09 -3.60 -7.71
C4 DCW Z . -10.47 -0.70 -7.53
C5 DCW Z . -11.08 -1.49 -8.67
C6 DCW Z . -11.37 -2.88 -8.13
C8 DCW Z . -6.56 -5.74 -9.11
C9 DCW Z . -5.32 -5.97 -8.25
C13 DCW Z . -7.44 -6.98 -9.07
C10 DCW Z . -4.84 -7.40 -8.32
C11 DCW Z . -5.24 -8.02 -9.65
C12 DCW Z . -6.75 -8.18 -9.71
C4 CVM AA . 1.20 -15.36 -5.08
C6 CVM AA . 0.61 -15.00 -6.43
C7 CVM AA . 1.73 -14.72 -7.42
C8 CVM AA . 1.13 -14.27 -8.74
C9 CVM AA . -0.40 -14.31 -8.69
C10 CVM AA . -0.92 -13.40 -7.59
C11 CVM AA . -0.25 -13.75 -6.27
C1 CVM BA . 2.12 -8.28 27.71
C2 CVM BA . 2.66 -7.43 26.57
C3 CVM BA . 1.73 -7.39 25.36
C4 CVM BA . 2.51 -6.75 24.22
C6 CVM BA . 1.81 -6.71 22.87
C7 CVM BA . 2.71 -7.30 21.80
C8 CVM BA . 2.21 -6.97 20.40
C9 CVM BA . 0.71 -6.84 20.45
C10 CVM BA . 0.15 -7.85 21.45
C11 CVM BA . 0.51 -7.50 22.89
O12 CVM BA . 2.84 -9.53 27.77
C13 CVM BA . 2.27 -10.44 28.72
O14 CVM BA . 2.81 -11.75 28.48
C15 CVM BA . 2.11 -12.75 29.21
C16 CVM BA . 0.70 -12.91 28.65
C17 CVM BA . -0.07 -11.60 28.77
C18 CVM BA . 0.76 -10.34 28.53
C19 CVM BA . 2.87 -14.09 29.25
O20 CVM BA . 2.69 -14.74 30.51
O21 CVM BA . -1.13 -11.63 27.82
O22 CVM BA . 0.26 -9.33 29.42
O23 CVM BA . -0.01 -13.87 29.43
C24 CVM BA . -1.41 -13.86 29.11
O25 CVM BA . -1.60 -14.34 27.77
C26 CVM BA . -1.27 -15.72 27.67
C27 CVM BA . -2.38 -16.50 28.37
C28 CVM BA . -3.11 -15.69 29.44
C29 CVM BA . -2.21 -14.67 30.14
C30 CVM BA . -1.13 -16.13 26.21
O31 CVM BA . 0.05 -16.89 25.93
O32 CVM BA . -1.81 -17.69 28.95
O33 CVM BA . -4.25 -15.00 28.88
O34 CVM BA . -1.36 -15.28 31.13
C4 CVM CA . -7.02 -11.73 -7.34
C6 CVM CA . -5.65 -11.33 -6.82
C7 CVM CA . -5.01 -12.49 -6.05
C8 CVM CA . -3.63 -12.11 -5.54
C9 CVM CA . -3.23 -10.73 -6.01
C10 CVM CA . -3.33 -10.64 -7.54
C11 CVM CA . -4.75 -10.96 -8.00
C4 CVM DA . -9.00 -9.33 -5.71
C6 CVM DA . -10.14 -8.66 -4.94
C7 CVM DA . -10.83 -7.66 -5.86
C8 CVM DA . -11.96 -6.96 -5.12
C9 CVM DA . -11.43 -6.25 -3.89
C10 CVM DA . -10.70 -7.22 -2.97
C11 CVM DA . -9.59 -7.95 -3.72
C4 CVM EA . -7.77 -14.00 -1.79
C6 CVM EA . -8.96 -13.07 -1.90
C7 CVM EA . -8.50 -11.67 -2.30
C8 CVM EA . -8.45 -10.76 -1.08
C9 CVM EA . -9.85 -10.52 -0.53
C10 CVM EA . -10.65 -11.82 -0.51
C11 CVM EA . -9.70 -13.01 -0.57
C1 CVM FA . -13.49 -19.76 7.21
C2 CVM FA . -13.23 -19.03 5.90
C3 CVM FA . -11.83 -18.42 5.87
C4 CVM FA . -11.58 -17.66 4.57
C6 CVM FA . -10.80 -16.36 4.78
C7 CVM FA . -9.31 -16.64 4.98
C8 CVM FA . -8.55 -16.73 3.67
C9 CVM FA . -8.59 -15.40 2.91
C10 CVM FA . -9.79 -14.57 3.34
C11 CVM FA . -11.00 -15.47 3.56
C6 CVM GA . -13.75 -8.21 0.63
C7 CVM GA . -13.76 -7.19 -0.52
C8 CVM GA . -13.81 -5.78 0.06
C9 CVM GA . -12.68 -5.55 1.05
C10 CVM GA . -11.76 -6.77 1.11
C11 CVM GA . -12.53 -8.01 1.52
C1 CVM HA . -15.33 -16.04 6.02
C1 CVM HA . -18.51 -12.71 9.64
C2 CVM HA . -15.33 -14.83 5.09
C2 CVM HA . -18.67 -11.61 8.60
C3 CVM HA . -13.90 -14.38 4.75
C3 CVM HA . -17.43 -11.50 7.72
C4 CVM HA . -13.90 -13.40 3.58
C4 CVM HA . -17.54 -10.36 6.72
C6 CVM HA . -13.79 -11.94 4.05
C6 CVM HA . -16.62 -10.57 5.51
C7 CVM HA . -14.31 -11.01 2.95
C7 CVM HA . -16.03 -11.98 5.56
C8 CVM HA . -14.44 -9.55 3.42
C8 CVM HA . -15.07 -12.24 4.40
C9 CVM HA . -15.26 -9.42 4.69
C9 CVM HA . -14.89 -11.00 3.56
C10 CVM HA . -14.64 -10.28 5.78
C10 CVM HA . -14.49 -9.79 4.41
C11 CVM HA . -14.62 -11.74 5.32
C11 CVM HA . -15.52 -9.53 5.51
C4 CVM IA . -5.00 -5.11 -17.17
C6 CVM IA . -4.85 -5.41 -15.69
C7 CVM IA . -6.20 -5.89 -15.12
C8 CVM IA . -6.08 -6.34 -13.67
C9 CVM IA . -5.00 -7.41 -13.48
C10 CVM IA . -3.65 -6.94 -14.04
C11 CVM IA . -3.78 -6.49 -15.49
C1 CVM JA . -1.02 -4.71 30.40
C2 CVM JA . -0.40 -3.88 29.26
C3 CVM JA . -1.26 -3.89 27.99
C4 CVM JA . -0.89 -2.84 26.93
C6 CVM JA . -1.59 -3.06 25.59
C7 CVM JA . -0.58 -3.09 24.45
C8 CVM JA . -1.23 -3.24 23.07
C9 CVM JA . -2.26 -2.14 22.83
C10 CVM JA . -3.28 -2.17 23.96
C11 CVM JA . -2.62 -1.96 25.31
O12 CVM JA . -1.02 -6.12 30.10
C13 CVM JA . -1.81 -6.94 30.97
O14 CVM JA . -1.75 -8.30 30.51
C15 CVM JA . -2.68 -9.20 31.15
C16 CVM JA . -4.13 -8.81 30.82
C17 CVM JA . -4.37 -7.39 31.35
C18 CVM JA . -3.24 -6.39 31.04
C19 CVM JA . -2.39 -10.67 30.81
O20 CVM JA . -2.81 -11.55 31.87
O21 CVM JA . -5.63 -6.91 30.84
O22 CVM JA . -3.26 -5.37 32.06
O23 CVM JA . -5.05 -9.74 31.43
C24 CVM JA . -6.34 -9.82 30.79
O25 CVM JA . -6.15 -10.29 29.45
C26 CVM JA . -5.85 -11.69 29.42
C27 CVM JA . -7.09 -12.53 29.73
C28 CVM JA . -7.82 -12.02 30.98
C29 CVM JA . -7.26 -10.73 31.62
C30 CVM JA . -5.20 -12.01 28.07
O31 CVM JA . -3.76 -12.03 28.22
O32 CVM JA . -6.81 -13.94 29.90
O33 CVM JA . -9.23 -11.89 30.69
O34 CVM JA . -6.57 -11.13 32.82
C4 CVM KA . -16.40 -1.99 -2.34
C6 CVM KA . -15.21 -2.92 -2.54
C7 CVM KA . -14.27 -2.82 -1.35
C8 CVM KA . -13.07 -1.97 -1.70
C9 CVM KA . -12.21 -2.73 -2.71
C10 CVM KA . -13.09 -3.20 -3.85
C11 CVM KA . -14.43 -2.50 -3.78
C3 CVM LA . -11.23 -1.98 -17.32
C4 CVM LA . -10.88 -3.18 -16.44
C6 CVM LA . -11.21 -2.96 -14.96
C7 CVM LA . -11.35 -1.48 -14.64
C8 CVM LA . -11.64 -1.23 -13.17
C9 CVM LA . -11.65 -2.53 -12.37
C10 CVM LA . -10.37 -3.33 -12.59
C11 CVM LA . -10.11 -3.57 -14.08
C1 CVM MA . -0.71 -0.14 32.16
C2 CVM MA . -1.48 0.90 31.33
C3 CVM MA . -1.62 0.56 29.85
C4 CVM MA . -1.09 1.72 29.00
C6 CVM MA . -1.97 2.18 27.84
C7 CVM MA . -3.38 2.52 28.28
C8 CVM MA . -4.21 2.97 27.09
C9 CVM MA . -3.38 3.08 25.83
C10 CVM MA . -2.75 1.73 25.50
C11 CVM MA . -2.08 1.13 26.73
O12 CVM MA . -1.33 -1.43 32.12
C13 CVM MA . -1.85 -1.83 33.39
O14 CVM MA . -1.53 -3.19 33.66
C15 CVM MA . -2.10 -3.70 34.89
C16 CVM MA . -3.60 -3.45 35.04
C17 CVM MA . -3.99 -2.03 34.65
C18 CVM MA . -3.37 -1.72 33.31
C19 CVM MA . -1.81 -5.19 34.98
O20 CVM MA . -0.57 -5.49 34.32
O21 CVM MA . -5.41 -1.89 34.52
O22 CVM MA . -3.72 -0.39 32.92
O23 CVM MA . -3.99 -3.74 36.38
C24 CVM MA . -5.40 -3.89 36.58
O25 CVM MA . -6.00 -4.52 35.45
C26 CVM MA . -5.98 -5.96 35.49
C27 CVM MA . -6.86 -6.48 36.61
C28 CVM MA . -6.86 -5.56 37.83
C29 CVM MA . -5.61 -4.66 37.87
C30 CVM MA . -6.48 -6.50 34.16
O31 CVM MA . -7.91 -6.43 34.12
O32 CVM MA . -6.40 -7.78 37.00
O33 CVM MA . -8.04 -4.76 37.85
O34 CVM MA . -4.44 -5.44 38.18
N1 DCW NA . -14.45 5.70 -2.16
O1 DCW NA . -15.66 3.90 -2.71
C1 DCW NA . -14.68 4.62 -2.91
C2 DCW NA . -15.58 6.64 -2.00
N2 DCW NA . -13.84 4.36 -3.91
C3 DCW NA . -15.12 8.02 -1.56
C7 DCW NA . -16.15 6.80 -3.42
C4 DCW NA . -16.22 9.08 -1.64
C5 DCW NA . -16.71 9.23 -3.06
C6 DCW NA . -17.23 7.88 -3.52
C8 DCW NA . -13.77 3.08 -4.58
C9 DCW NA . -13.40 1.97 -3.61
C13 DCW NA . -15.09 2.74 -5.25
C10 DCW NA . -14.15 0.71 -4.02
C11 DCW NA . -14.04 0.51 -5.53
C12 DCW NA . -14.81 1.62 -6.24
C4 CVM OA . -20.67 -5.28 10.13
C6 CVM OA . -19.23 -5.44 9.67
C7 CVM OA . -19.06 -4.80 8.30
C8 CVM OA . -17.68 -5.05 7.69
C9 CVM OA . -17.36 -6.53 7.66
C10 CVM OA . -17.48 -7.12 9.07
C11 CVM OA . -18.90 -6.92 9.59
C1 CVM PA . -24.49 -0.78 15.77
C2 CVM PA . -24.12 0.61 15.27
C3 CVM PA . -23.09 0.56 14.14
C4 CVM PA . -23.41 1.62 13.10
C6 CVM PA . -22.55 1.49 11.84
C7 CVM PA . -21.66 0.25 11.93
C8 CVM PA . -20.78 0.11 10.70
C9 CVM PA . -20.99 1.27 9.74
C10 CVM PA . -20.77 2.60 10.44
C11 CVM PA . -21.66 2.72 11.68
C1 CVM QA . -14.68 6.89 -16.03
C2 CVM QA . -14.03 6.09 -14.91
C3 CVM QA . -14.81 4.81 -14.58
C4 CVM QA . -14.26 4.06 -13.37
C6 CVM QA . -14.91 4.53 -12.06
C7 CVM QA . -14.00 4.19 -10.88
C8 CVM QA . -14.59 4.63 -9.55
C9 CVM QA . -16.04 5.11 -9.69
C10 CVM QA . -16.85 4.09 -10.49
C11 CVM QA . -16.27 3.85 -11.88
C3 CVM RA . -18.89 8.34 -12.31
C4 CVM RA . -18.81 9.63 -11.48
C6 CVM RA . -18.94 9.36 -9.98
C7 CVM RA . -18.87 10.70 -9.25
C8 CVM RA . -18.93 10.53 -7.73
C9 CVM RA . -18.88 9.06 -7.31
C10 CVM RA . -17.72 8.36 -7.97
C11 CVM RA . -17.81 8.44 -9.49
N1 DCW SA . -16.13 16.36 3.79
O1 DCW SA . -17.95 15.08 3.63
C1 DCW SA . -16.96 15.56 3.12
C2 DCW SA . -16.60 17.66 4.33
N2 DCW SA . -16.66 15.29 1.85
C3 DCW SA . -15.72 18.77 3.73
C7 DCW SA . -18.04 17.89 3.86
C4 DCW SA . -16.22 20.18 4.04
C5 DCW SA . -17.62 20.35 3.50
C6 DCW SA . -18.52 19.31 4.16
C8 DCW SA . -17.31 14.25 1.07
C9 DCW SA . -16.99 12.87 1.62
C13 DCW SA . -18.83 14.47 1.01
C10 DCW SA . -17.44 11.81 0.62
C11 DCW SA . -18.78 12.19 -0.02
C12 DCW SA . -19.56 13.13 0.89
C4 CVM TA . -17.84 5.45 0.96
C6 CVM TA . -17.95 3.93 0.90
C7 CVM TA . -17.40 3.31 2.19
C8 CVM TA . -17.36 1.80 2.12
C9 CVM TA . -17.93 1.28 0.80
C10 CVM TA . -17.18 1.89 -0.38
C11 CVM TA . -17.16 3.41 -0.29
C4 CVM UA . -19.85 -1.84 4.82
C6 CVM UA . -18.62 -1.78 3.93
C7 CVM UA . -18.29 -3.17 3.41
C8 CVM UA . -17.08 -3.18 2.49
C9 CVM UA . -16.37 -1.85 2.57
C10 CVM UA . -16.13 -1.44 4.01
C11 CVM UA . -17.46 -1.21 4.73
C6 CVM VA . -20.23 3.28 6.07
C7 CVM VA . -19.15 3.57 5.02
C8 CVM VA . -18.25 4.68 5.54
C9 CVM VA . -17.55 4.22 6.81
C10 CVM VA . -18.07 2.86 7.24
C11 CVM VA . -19.59 2.91 7.38
C4 CVM WA . -20.77 10.02 4.66
C6 CVM WA . -20.21 9.57 3.31
C7 CVM WA . -18.80 10.11 3.12
C8 CVM WA . -17.83 9.01 2.71
C9 CVM WA . -17.72 7.96 3.81
C10 CVM WA . -19.11 7.59 4.30
C11 CVM WA . -20.15 8.05 3.29
C2 CVM XA . -22.64 17.11 3.66
C3 CVM XA . -21.34 16.86 4.41
C4 CVM XA . -21.33 15.45 5.02
C6 CVM XA . -20.00 15.18 5.74
C7 CVM XA . -19.72 13.68 5.80
C8 CVM XA . -19.89 13.14 7.21
C9 CVM XA . -18.88 13.79 8.16
C10 CVM XA . -18.83 15.30 7.94
C11 CVM XA . -20.05 15.75 7.15
C4 CVM YA . -21.43 7.75 8.18
C6 CVM YA . -21.12 9.05 8.92
C7 CVM YA . -19.68 9.46 8.64
C8 CVM YA . -19.29 10.68 9.45
C9 CVM YA . -20.45 11.24 10.28
C10 CVM YA . -21.01 10.18 11.18
C11 CVM YA . -21.33 8.88 10.42
C3 CVM ZA . -24.43 7.11 17.75
C4 CVM ZA . -23.29 7.63 16.88
C6 CVM ZA . -22.97 6.70 15.73
C7 CVM ZA . -21.87 7.31 14.86
C8 CVM ZA . -21.48 6.37 13.72
C9 CVM ZA . -21.04 5.01 14.25
C10 CVM ZA . -22.13 4.41 15.14
C11 CVM ZA . -22.47 5.37 16.27
C6 CVM AB . -20.27 14.04 13.25
C7 CVM AB . -21.22 15.04 12.58
C8 CVM AB . -20.84 16.46 12.99
C9 CVM AB . -19.40 16.77 12.64
C10 CVM AB . -18.72 15.57 11.99
C11 CVM AB . -18.82 14.36 12.91
C4 CVM BB . -22.11 14.58 20.40
C6 CVM BB . -22.68 14.27 19.02
C7 CVM BB . -21.95 15.11 17.97
C8 CVM BB . -20.77 14.34 17.41
C9 CVM BB . -21.25 13.15 16.58
C10 CVM BB . -22.48 12.53 17.21
C11 CVM BB . -22.48 12.80 18.71
C3 CVM CB . -18.19 17.55 -8.37
C4 CVM CB . -18.91 17.53 -7.01
C6 CVM CB . -18.60 16.26 -6.19
C7 CVM CB . -19.18 16.39 -4.78
C8 CVM CB . -18.89 15.16 -3.93
C9 CVM CB . -18.26 14.04 -4.75
C10 CVM CB . -19.06 13.77 -6.03
C11 CVM CB . -19.19 15.04 -6.89
#